data_3OQJ
#
_entry.id   3OQJ
#
_cell.length_a   150.856
_cell.length_b   54.713
_cell.length_c   101.521
_cell.angle_alpha   90.000
_cell.angle_beta   130.440
_cell.angle_gamma   90.000
#
_symmetry.space_group_name_H-M   'C 1 2 1'
#
loop_
_entity.id
_entity.type
_entity.pdbx_description
1 polymer 'Putative uncharacterized protein yvmC'
2 non-polymer '(2S)-3-(cyclohexylamino)-2-hydroxypropane-1-sulfonic acid'
3 water water
#
_entity_poly.entity_id   1
_entity_poly.type   'polypeptide(L)'
_entity_poly.pdbx_seq_one_letter_code
;MTELIMESKHQLFKTETLTQNCNEILKRRRHVLVGISPFNSRFSEDYIHRLIAWAVREFQSVSVLLAGKEAANLLEALGT
PHGKAERKVRKEVSRNRRFAEKALEAHGGNPEDIHTFSDFANQTAYRNLRMEVEAAFFDQTHFRNACLEMSHAAILGRAR
GTRMDVVEVSADMLELAVEYVIAELPFFIAAPDILGVEETLLAYHRPWKLGEQISRNEFAVKMRPNQGYLMVSEADERVE
SKSMQEERVLEHHHHHH
;
_entity_poly.pdbx_strand_id   A,B
#
# COMPACT_ATOMS: atom_id res chain seq x y z
N PHE A 13 8.88 -13.20 16.75
CA PHE A 13 8.26 -14.23 15.93
C PHE A 13 9.27 -14.86 15.00
N LYS A 14 9.16 -16.18 14.83
CA LYS A 14 9.96 -16.93 13.87
C LYS A 14 9.12 -17.09 12.62
N THR A 15 9.73 -17.59 11.54
CA THR A 15 8.97 -17.86 10.33
C THR A 15 9.49 -19.08 9.57
N GLU A 16 8.56 -19.82 8.95
CA GLU A 16 8.88 -20.92 8.05
C GLU A 16 7.97 -20.86 6.83
N THR A 17 8.55 -21.07 5.66
CA THR A 17 7.80 -20.98 4.41
C THR A 17 7.74 -22.35 3.71
N LEU A 18 6.77 -22.52 2.81
CA LEU A 18 6.61 -23.77 2.07
C LEU A 18 7.75 -24.03 1.07
N THR A 19 7.76 -23.28 -0.03
CA THR A 19 8.71 -23.49 -1.12
C THR A 19 9.81 -22.42 -1.12
N GLN A 20 10.70 -22.51 -2.10
CA GLN A 20 11.75 -21.51 -2.24
C GLN A 20 11.12 -20.24 -2.82
N ASN A 21 9.98 -20.42 -3.48
CA ASN A 21 9.24 -19.30 -4.05
C ASN A 21 8.55 -18.45 -2.97
N CYS A 22 7.92 -19.10 -1.99
CA CYS A 22 7.32 -18.39 -0.86
C CYS A 22 8.42 -17.59 -0.16
N ASN A 23 9.63 -18.14 -0.18
CA ASN A 23 10.80 -17.50 0.42
C ASN A 23 11.23 -16.22 -0.31
N GLU A 24 11.17 -16.23 -1.63
CA GLU A 24 11.52 -15.04 -2.42
C GLU A 24 10.58 -13.85 -2.18
N ILE A 25 9.29 -14.14 -2.05
CA ILE A 25 8.29 -13.13 -1.69
C ILE A 25 8.59 -12.59 -0.30
N LEU A 26 8.99 -13.49 0.61
CA LEU A 26 9.34 -13.10 1.97
C LEU A 26 10.45 -12.06 2.01
N LYS A 27 11.44 -12.20 1.14
CA LYS A 27 12.59 -11.30 1.19
C LYS A 27 12.27 -9.89 0.73
N ARG A 28 11.19 -9.74 -0.03
CA ARG A 28 10.82 -8.43 -0.53
C ARG A 28 10.00 -7.61 0.48
N ARG A 29 9.33 -8.31 1.41
CA ARG A 29 8.56 -7.67 2.47
C ARG A 29 7.45 -6.71 2.01
N ARG A 30 6.80 -7.01 0.90
CA ARG A 30 5.79 -6.07 0.38
C ARG A 30 4.50 -6.06 1.19
N HIS A 31 4.01 -7.25 1.51
CA HIS A 31 2.68 -7.33 2.08
C HIS A 31 2.47 -8.62 2.84
N VAL A 32 1.81 -8.53 3.98
CA VAL A 32 1.47 -9.73 4.71
C VAL A 32 -0.01 -9.69 5.06
N LEU A 33 -0.67 -10.83 4.91
CA LEU A 33 -2.09 -10.99 5.27
C LEU A 33 -2.17 -11.82 6.55
N VAL A 34 -2.50 -11.15 7.66
CA VAL A 34 -2.48 -11.79 8.96
C VAL A 34 -3.83 -12.44 9.25
N GLY A 35 -3.88 -13.77 9.26
CA GLY A 35 -5.10 -14.48 9.61
C GLY A 35 -5.45 -14.42 11.09
N ILE A 36 -6.72 -14.15 11.37
CA ILE A 36 -7.20 -14.20 12.75
C ILE A 36 -8.46 -15.04 12.76
N SER A 37 -8.44 -16.14 13.51
CA SER A 37 -9.55 -17.06 13.49
C SER A 37 -10.50 -16.78 14.64
N PRO A 38 -11.80 -16.90 14.40
CA PRO A 38 -12.84 -16.50 15.35
C PRO A 38 -12.88 -17.33 16.62
N PHE A 39 -12.44 -18.58 16.56
CA PHE A 39 -12.68 -19.47 17.69
C PHE A 39 -11.49 -20.28 18.15
N ASN A 40 -10.34 -19.61 18.17
CA ASN A 40 -9.08 -20.26 18.36
C ASN A 40 -8.42 -19.57 19.52
N SER A 41 -8.02 -20.35 20.52
CA SER A 41 -7.55 -19.78 21.77
C SER A 41 -6.28 -19.00 21.56
N ARG A 42 -5.59 -19.26 20.46
CA ARG A 42 -4.38 -18.53 20.12
C ARG A 42 -4.60 -17.00 20.18
N PHE A 43 -5.77 -16.54 19.76
CA PHE A 43 -5.97 -15.10 19.52
C PHE A 43 -6.51 -14.26 20.69
N SER A 44 -5.74 -14.18 21.77
CA SER A 44 -6.06 -13.22 22.81
C SER A 44 -5.83 -11.82 22.26
N GLU A 45 -6.49 -10.83 22.86
CA GLU A 45 -6.26 -9.44 22.48
C GLU A 45 -4.77 -9.16 22.47
N ASP A 46 -4.12 -9.56 23.54
CA ASP A 46 -2.70 -9.36 23.71
C ASP A 46 -1.86 -9.96 22.57
N TYR A 47 -2.20 -11.18 22.17
CA TYR A 47 -1.44 -11.84 21.11
C TYR A 47 -1.67 -11.11 19.79
N ILE A 48 -2.89 -10.67 19.56
CA ILE A 48 -3.22 -9.95 18.34
C ILE A 48 -2.35 -8.69 18.20
N HIS A 49 -2.17 -7.95 19.29
CA HIS A 49 -1.33 -6.76 19.28
C HIS A 49 0.12 -7.09 18.97
N ARG A 50 0.67 -8.11 19.62
CA ARG A 50 2.05 -8.48 19.36
C ARG A 50 2.24 -8.97 17.94
N LEU A 51 1.28 -9.75 17.47
CA LEU A 51 1.31 -10.25 16.10
C LEU A 51 1.27 -9.09 15.10
N ILE A 52 0.35 -8.16 15.32
CA ILE A 52 0.22 -7.03 14.41
C ILE A 52 1.44 -6.09 14.45
N ALA A 53 1.99 -5.87 15.65
CA ALA A 53 3.16 -5.02 15.82
C ALA A 53 4.30 -5.56 15.00
N TRP A 54 4.49 -6.88 15.08
CA TRP A 54 5.52 -7.54 14.32
C TRP A 54 5.29 -7.39 12.82
N ALA A 55 4.03 -7.49 12.38
CA ALA A 55 3.75 -7.44 10.95
C ALA A 55 4.08 -6.06 10.37
N VAL A 56 3.65 -5.02 11.06
CA VAL A 56 3.92 -3.65 10.64
C VAL A 56 5.41 -3.32 10.65
N ARG A 57 6.12 -3.81 11.65
CA ARG A 57 7.57 -3.69 11.68
C ARG A 57 8.23 -4.42 10.51
N GLU A 58 7.77 -5.63 10.19
CA GLU A 58 8.46 -6.44 9.18
C GLU A 58 8.06 -6.17 7.74
N PHE A 59 6.83 -5.71 7.53
CA PHE A 59 6.33 -5.60 6.17
C PHE A 59 5.99 -4.18 5.78
N GLN A 60 6.01 -3.88 4.48
CA GLN A 60 5.63 -2.57 3.98
C GLN A 60 4.13 -2.35 4.15
N SER A 61 3.33 -3.36 3.85
CA SER A 61 1.89 -3.26 4.05
C SER A 61 1.32 -4.45 4.80
N VAL A 62 0.32 -4.19 5.61
CA VAL A 62 -0.30 -5.23 6.41
C VAL A 62 -1.81 -5.21 6.27
N SER A 63 -2.39 -6.35 5.93
CA SER A 63 -3.84 -6.49 5.95
C SER A 63 -4.21 -7.62 6.88
N VAL A 64 -5.50 -7.71 7.20
CA VAL A 64 -5.99 -8.71 8.13
C VAL A 64 -7.17 -9.47 7.52
N LEU A 65 -7.16 -10.79 7.72
CA LEU A 65 -8.24 -11.65 7.24
C LEU A 65 -8.95 -12.31 8.42
N LEU A 66 -10.26 -12.08 8.49
CA LEU A 66 -11.11 -12.65 9.50
C LEU A 66 -12.01 -13.69 8.83
N ALA A 67 -12.64 -14.55 9.63
CA ALA A 67 -13.60 -15.53 9.11
C ALA A 67 -14.89 -14.93 8.53
N GLY A 68 -15.32 -15.43 7.37
CA GLY A 68 -16.60 -15.09 6.80
C GLY A 68 -17.76 -15.77 7.50
N LYS A 69 -18.94 -15.73 6.89
CA LYS A 69 -20.13 -16.23 7.54
C LYS A 69 -20.14 -17.76 7.68
N GLU A 70 -19.37 -18.44 6.84
CA GLU A 70 -19.33 -19.89 6.88
C GLU A 70 -18.76 -20.42 8.19
N ALA A 71 -18.15 -19.55 8.99
CA ALA A 71 -17.71 -19.97 10.31
C ALA A 71 -18.90 -20.49 11.15
N ALA A 72 -20.11 -20.06 10.79
CA ALA A 72 -21.33 -20.61 11.40
C ALA A 72 -21.46 -22.12 11.20
N ASN A 73 -20.95 -22.61 10.07
CA ASN A 73 -20.93 -24.05 9.79
C ASN A 73 -20.14 -24.83 10.85
N LEU A 74 -18.99 -24.31 11.27
CA LEU A 74 -18.21 -25.01 12.29
C LEU A 74 -19.03 -25.22 13.59
N LEU A 75 -19.82 -24.23 13.98
CA LEU A 75 -20.61 -24.36 15.20
C LEU A 75 -21.81 -25.27 15.00
N GLU A 76 -22.46 -25.15 13.85
CA GLU A 76 -23.60 -26.02 13.53
C GLU A 76 -23.19 -27.49 13.53
N ALA A 77 -22.09 -27.78 12.84
CA ALA A 77 -21.57 -29.13 12.83
C ALA A 77 -21.35 -29.60 14.25
N LEU A 78 -20.95 -28.67 15.11
CA LEU A 78 -20.71 -28.98 16.51
C LEU A 78 -22.01 -28.97 17.31
N GLY A 79 -23.14 -28.86 16.61
CA GLY A 79 -24.44 -28.92 17.28
C GLY A 79 -25.24 -27.63 17.46
N THR A 80 -24.59 -26.47 17.42
CA THR A 80 -25.29 -25.20 17.58
C THR A 80 -26.35 -24.95 16.51
N PRO A 81 -27.57 -24.58 16.95
CA PRO A 81 -28.65 -24.22 16.01
C PRO A 81 -28.25 -23.03 15.13
N HIS A 82 -28.74 -23.03 13.89
CA HIS A 82 -28.37 -22.06 12.88
C HIS A 82 -28.41 -20.59 13.35
N GLY A 83 -29.54 -20.19 13.91
CA GLY A 83 -29.73 -18.80 14.30
C GLY A 83 -28.70 -18.38 15.33
N LYS A 84 -28.56 -19.17 16.36
CA LYS A 84 -27.58 -18.89 17.39
C LYS A 84 -26.15 -18.91 16.86
N ALA A 85 -25.85 -19.84 15.95
CA ALA A 85 -24.49 -19.98 15.43
C ALA A 85 -24.10 -18.70 14.68
N GLU A 86 -25.01 -18.24 13.84
CA GLU A 86 -24.79 -17.02 13.09
C GLU A 86 -24.52 -15.81 14.01
N ARG A 87 -25.27 -15.69 15.11
CA ARG A 87 -25.05 -14.61 16.06
C ARG A 87 -23.75 -14.77 16.82
N LYS A 88 -23.43 -16.00 17.19
CA LYS A 88 -22.19 -16.24 17.91
C LYS A 88 -21.01 -15.80 17.06
N VAL A 89 -21.03 -16.14 15.78
CA VAL A 89 -19.97 -15.76 14.86
C VAL A 89 -19.89 -14.24 14.70
N ARG A 90 -21.04 -13.61 14.47
CA ARG A 90 -21.05 -12.15 14.37
C ARG A 90 -20.36 -11.52 15.59
N LYS A 91 -20.65 -12.07 16.76
CA LYS A 91 -20.07 -11.59 18.00
C LYS A 91 -18.55 -11.75 18.04
N GLU A 92 -18.07 -12.93 17.68
CA GLU A 92 -16.66 -13.26 17.73
C GLU A 92 -15.86 -12.57 16.65
N VAL A 93 -16.40 -12.53 15.45
CA VAL A 93 -15.69 -11.88 14.37
C VAL A 93 -15.61 -10.37 14.61
N SER A 94 -16.70 -9.75 15.04
CA SER A 94 -16.69 -8.31 15.24
C SER A 94 -15.75 -7.95 16.38
N ARG A 95 -15.58 -8.90 17.29
CA ARG A 95 -14.62 -8.76 18.37
C ARG A 95 -13.18 -8.87 17.84
N ASN A 96 -12.89 -9.89 17.02
CA ASN A 96 -11.57 -9.97 16.43
C ASN A 96 -11.28 -8.66 15.68
N ARG A 97 -12.29 -8.15 14.98
CA ARG A 97 -12.11 -6.93 14.19
C ARG A 97 -11.71 -5.75 15.07
N ARG A 98 -12.41 -5.59 16.20
CA ARG A 98 -12.17 -4.48 17.11
C ARG A 98 -10.75 -4.50 17.67
N PHE A 99 -10.27 -5.67 18.09
CA PHE A 99 -8.89 -5.79 18.53
C PHE A 99 -7.91 -5.45 17.40
N ALA A 100 -8.20 -5.91 16.18
CA ALA A 100 -7.24 -5.75 15.09
C ALA A 100 -7.19 -4.30 14.64
N GLU A 101 -8.35 -3.65 14.66
CA GLU A 101 -8.45 -2.21 14.39
C GLU A 101 -7.62 -1.43 15.39
N LYS A 102 -7.77 -1.76 16.67
CA LYS A 102 -7.06 -1.08 17.72
C LYS A 102 -5.57 -1.25 17.51
N ALA A 103 -5.16 -2.48 17.19
CA ALA A 103 -3.75 -2.80 17.06
C ALA A 103 -3.15 -2.07 15.86
N LEU A 104 -3.90 -2.03 14.77
CA LEU A 104 -3.42 -1.37 13.57
C LEU A 104 -3.28 0.14 13.76
N GLU A 105 -4.26 0.77 14.42
CA GLU A 105 -4.15 2.18 14.77
C GLU A 105 -2.83 2.43 15.50
N ALA A 106 -2.65 1.69 16.59
CA ALA A 106 -1.51 1.90 17.49
C ALA A 106 -0.12 1.72 16.84
N HIS A 107 -0.05 0.98 15.75
CA HIS A 107 1.27 0.72 15.19
C HIS A 107 1.47 1.37 13.83
N GLY A 108 0.52 2.22 13.45
CA GLY A 108 0.66 3.02 12.24
C GLY A 108 -0.04 2.41 11.04
N GLY A 109 -0.50 1.17 11.19
CA GLY A 109 -1.18 0.47 10.13
C GLY A 109 -2.50 1.11 9.75
N ASN A 110 -3.29 0.36 8.99
CA ASN A 110 -4.49 0.85 8.35
C ASN A 110 -5.76 0.09 8.78
N PRO A 111 -6.55 0.65 9.71
CA PRO A 111 -7.71 -0.04 10.28
C PRO A 111 -8.78 -0.48 9.27
N GLU A 112 -8.75 0.03 8.05
CA GLU A 112 -9.74 -0.40 7.07
C GLU A 112 -9.31 -1.62 6.26
N ASP A 113 -8.04 -2.03 6.38
CA ASP A 113 -7.56 -3.18 5.62
C ASP A 113 -7.79 -4.49 6.39
N ILE A 114 -8.98 -4.62 6.95
CA ILE A 114 -9.39 -5.82 7.65
C ILE A 114 -10.55 -6.36 6.85
N HIS A 115 -10.44 -7.62 6.40
CA HIS A 115 -11.49 -8.22 5.59
C HIS A 115 -11.93 -9.59 6.15
N THR A 116 -13.15 -10.01 5.84
CA THR A 116 -13.54 -11.38 6.08
C THR A 116 -13.55 -12.09 4.74
N PHE A 117 -13.40 -13.42 4.74
CA PHE A 117 -13.42 -14.12 3.47
C PHE A 117 -14.79 -14.23 2.80
N SER A 118 -15.80 -13.59 3.40
CA SER A 118 -17.13 -13.45 2.78
C SER A 118 -17.33 -12.10 2.08
N ASP A 119 -16.41 -11.15 2.24
CA ASP A 119 -16.63 -9.79 1.75
C ASP A 119 -16.56 -9.62 0.24
N PHE A 120 -16.33 -10.72 -0.48
CA PHE A 120 -16.06 -10.62 -1.90
C PHE A 120 -16.89 -11.64 -2.65
N ALA A 121 -17.99 -12.05 -2.03
CA ALA A 121 -18.90 -13.02 -2.63
C ALA A 121 -19.30 -12.68 -4.07
N ASN A 122 -19.32 -11.39 -4.41
CA ASN A 122 -19.76 -10.99 -5.74
C ASN A 122 -18.62 -10.52 -6.63
N GLN A 123 -17.40 -10.59 -6.11
CA GLN A 123 -16.23 -10.20 -6.88
C GLN A 123 -15.78 -11.29 -7.86
N THR A 124 -15.45 -10.88 -9.08
CA THR A 124 -15.05 -11.84 -10.11
C THR A 124 -13.86 -12.71 -9.72
N ALA A 125 -12.79 -12.09 -9.26
CA ALA A 125 -11.60 -12.84 -8.85
C ALA A 125 -11.94 -13.87 -7.77
N TYR A 126 -12.61 -13.45 -6.70
CA TYR A 126 -12.94 -14.40 -5.66
C TYR A 126 -13.83 -15.54 -6.18
N ARG A 127 -14.92 -15.21 -6.89
CA ARG A 127 -15.83 -16.23 -7.41
C ARG A 127 -15.12 -17.23 -8.34
N ASN A 128 -14.23 -16.72 -9.19
CA ASN A 128 -13.45 -17.59 -10.07
C ASN A 128 -12.59 -18.57 -9.27
N LEU A 129 -11.98 -18.09 -8.18
CA LEU A 129 -11.19 -18.96 -7.32
C LEU A 129 -12.07 -19.97 -6.58
N ARG A 130 -13.25 -19.54 -6.12
CA ARG A 130 -14.20 -20.49 -5.52
C ARG A 130 -14.49 -21.64 -6.47
N MET A 131 -14.79 -21.29 -7.73
CA MET A 131 -15.13 -22.26 -8.77
C MET A 131 -14.00 -23.27 -8.92
N GLU A 132 -12.77 -22.79 -8.98
CA GLU A 132 -11.63 -23.67 -9.14
C GLU A 132 -11.52 -24.64 -7.96
N VAL A 133 -11.74 -24.15 -6.75
CA VAL A 133 -11.58 -24.95 -5.55
C VAL A 133 -12.72 -25.97 -5.49
N GLU A 134 -13.91 -25.49 -5.82
CA GLU A 134 -15.09 -26.34 -5.84
C GLU A 134 -15.00 -27.46 -6.88
N ALA A 135 -14.68 -27.08 -8.11
CA ALA A 135 -14.45 -28.06 -9.18
C ALA A 135 -13.53 -29.17 -8.68
N ALA A 136 -12.40 -28.78 -8.09
CA ALA A 136 -11.40 -29.77 -7.66
C ALA A 136 -12.00 -30.62 -6.56
N PHE A 137 -12.76 -29.98 -5.69
CA PHE A 137 -13.35 -30.68 -4.56
C PHE A 137 -14.29 -31.79 -5.04
N PHE A 138 -15.10 -31.49 -6.05
CA PHE A 138 -16.05 -32.48 -6.56
C PHE A 138 -15.45 -33.49 -7.51
N ASP A 139 -14.42 -33.08 -8.25
CA ASP A 139 -13.83 -33.94 -9.27
C ASP A 139 -12.77 -34.84 -8.70
N GLN A 140 -12.04 -34.36 -7.69
CA GLN A 140 -10.84 -35.06 -7.24
C GLN A 140 -10.92 -35.57 -5.82
N THR A 141 -11.06 -36.88 -5.69
CA THR A 141 -11.23 -37.50 -4.38
C THR A 141 -10.10 -37.14 -3.41
N HIS A 142 -8.87 -37.13 -3.91
CA HIS A 142 -7.76 -36.80 -3.03
C HIS A 142 -7.80 -35.35 -2.53
N PHE A 143 -8.37 -34.46 -3.34
CA PHE A 143 -8.44 -33.07 -2.93
C PHE A 143 -9.59 -32.91 -1.94
N ARG A 144 -10.65 -33.68 -2.17
CA ARG A 144 -11.80 -33.64 -1.29
C ARG A 144 -11.45 -34.19 0.09
N ASN A 145 -10.72 -35.30 0.15
CA ASN A 145 -10.25 -35.80 1.42
C ASN A 145 -9.37 -34.78 2.15
N ALA A 146 -8.42 -34.21 1.42
CA ALA A 146 -7.56 -33.19 2.00
C ALA A 146 -8.41 -32.07 2.63
N CYS A 147 -9.42 -31.59 1.89
CA CYS A 147 -10.32 -30.55 2.40
C CYS A 147 -11.07 -30.98 3.66
N LEU A 148 -11.56 -32.21 3.68
CA LEU A 148 -12.28 -32.72 4.84
C LEU A 148 -11.38 -32.67 6.08
N GLU A 149 -10.17 -33.20 5.93
CA GLU A 149 -9.20 -33.13 7.01
C GLU A 149 -8.96 -31.70 7.47
N MET A 150 -8.71 -30.79 6.52
CA MET A 150 -8.49 -29.39 6.88
C MET A 150 -9.71 -28.81 7.63
N SER A 151 -10.91 -29.25 7.25
CA SER A 151 -12.11 -28.84 7.97
C SER A 151 -12.18 -29.48 9.36
N HIS A 152 -11.58 -30.66 9.50
CA HIS A 152 -11.57 -31.32 10.81
C HIS A 152 -10.68 -30.55 11.78
N ALA A 153 -9.52 -30.15 11.27
CA ALA A 153 -8.57 -29.34 12.03
C ALA A 153 -9.15 -27.98 12.43
N ALA A 154 -10.07 -27.46 11.61
CA ALA A 154 -10.77 -26.20 11.93
C ALA A 154 -11.72 -26.38 13.12
N ILE A 155 -12.45 -27.51 13.18
CA ILE A 155 -13.29 -27.85 14.32
C ILE A 155 -12.51 -27.98 15.64
N LEU A 156 -11.35 -28.62 15.59
CA LEU A 156 -10.51 -28.85 16.78
C LEU A 156 -9.97 -27.56 17.44
N GLY A 157 -10.07 -26.43 16.75
CA GLY A 157 -9.67 -25.14 17.31
C GLY A 157 -10.83 -24.30 17.83
N VAL A 167 -16.35 -35.62 22.32
CA VAL A 167 -17.21 -35.73 21.14
C VAL A 167 -16.47 -36.26 19.92
N GLU A 168 -17.10 -37.21 19.22
CA GLU A 168 -16.55 -37.72 17.98
C GLU A 168 -16.95 -36.83 16.79
N VAL A 169 -16.04 -36.66 15.85
CA VAL A 169 -16.33 -35.85 14.68
C VAL A 169 -16.82 -36.77 13.56
N SER A 170 -18.13 -36.75 13.31
CA SER A 170 -18.71 -37.69 12.38
C SER A 170 -18.49 -37.27 10.93
N ALA A 171 -18.71 -38.20 10.02
CA ALA A 171 -18.67 -37.91 8.60
C ALA A 171 -19.47 -36.65 8.30
N ASP A 172 -20.73 -36.66 8.68
CA ASP A 172 -21.65 -35.60 8.27
C ASP A 172 -21.32 -34.21 8.85
N MET A 173 -20.75 -34.18 10.05
CA MET A 173 -20.28 -32.94 10.64
C MET A 173 -19.25 -32.31 9.70
N LEU A 174 -18.43 -33.14 9.06
CA LEU A 174 -17.39 -32.64 8.19
C LEU A 174 -17.91 -32.09 6.87
N GLU A 175 -19.03 -32.61 6.39
CA GLU A 175 -19.57 -32.11 5.14
C GLU A 175 -20.19 -30.75 5.36
N LEU A 176 -20.66 -30.52 6.58
CA LEU A 176 -21.17 -29.21 6.96
C LEU A 176 -19.99 -28.25 7.14
N ALA A 177 -19.01 -28.68 7.93
CA ALA A 177 -17.86 -27.85 8.22
C ALA A 177 -17.05 -27.46 7.00
N VAL A 178 -16.98 -28.34 6.00
CA VAL A 178 -16.07 -28.11 4.89
C VAL A 178 -16.40 -26.88 4.03
N GLU A 179 -17.63 -26.40 4.10
CA GLU A 179 -18.02 -25.17 3.42
C GLU A 179 -17.12 -24.01 3.88
N TYR A 180 -16.80 -24.03 5.17
CA TYR A 180 -15.89 -23.08 5.75
C TYR A 180 -14.53 -23.10 5.04
N VAL A 181 -13.97 -24.30 4.91
CA VAL A 181 -12.68 -24.49 4.22
C VAL A 181 -12.71 -24.04 2.74
N ILE A 182 -13.74 -24.43 2.02
CA ILE A 182 -13.89 -24.02 0.63
C ILE A 182 -13.97 -22.50 0.46
N ALA A 183 -14.64 -21.83 1.40
CA ALA A 183 -14.81 -20.40 1.33
C ALA A 183 -13.50 -19.63 1.61
N GLU A 184 -12.69 -20.13 2.53
CA GLU A 184 -11.42 -19.47 2.85
C GLU A 184 -10.26 -19.74 1.84
N LEU A 185 -10.27 -20.91 1.21
CA LEU A 185 -9.12 -21.33 0.39
C LEU A 185 -8.62 -20.38 -0.69
N PRO A 186 -9.53 -19.62 -1.34
CA PRO A 186 -9.04 -18.65 -2.33
C PRO A 186 -7.99 -17.70 -1.77
N PHE A 187 -8.09 -17.35 -0.50
CA PHE A 187 -7.10 -16.46 0.11
C PHE A 187 -5.80 -17.18 0.43
N PHE A 188 -5.84 -18.51 0.41
CA PHE A 188 -4.64 -19.34 0.61
C PHE A 188 -3.86 -19.58 -0.68
N ILE A 189 -4.52 -19.42 -1.82
CA ILE A 189 -3.86 -19.70 -3.08
C ILE A 189 -3.68 -18.46 -3.97
N ALA A 190 -4.47 -17.41 -3.72
CA ALA A 190 -4.42 -16.25 -4.61
C ALA A 190 -5.01 -14.99 -4.01
N ALA A 191 -4.66 -14.70 -2.76
CA ALA A 191 -5.16 -13.50 -2.09
C ALA A 191 -4.89 -12.19 -2.86
N PRO A 192 -3.72 -12.07 -3.50
CA PRO A 192 -3.40 -10.92 -4.36
C PRO A 192 -4.42 -10.68 -5.46
N ASP A 193 -4.92 -11.72 -6.11
CA ASP A 193 -6.00 -11.58 -7.07
C ASP A 193 -7.20 -10.87 -6.43
N ILE A 194 -7.46 -11.21 -5.17
CA ILE A 194 -8.66 -10.75 -4.50
C ILE A 194 -8.46 -9.35 -3.89
N LEU A 195 -7.28 -9.14 -3.32
CA LEU A 195 -7.03 -7.90 -2.58
C LEU A 195 -6.40 -6.80 -3.44
N GLY A 196 -5.88 -7.17 -4.61
CA GLY A 196 -5.35 -6.21 -5.55
C GLY A 196 -3.93 -5.76 -5.26
N VAL A 197 -3.26 -6.46 -4.36
CA VAL A 197 -1.88 -6.18 -4.05
C VAL A 197 -1.01 -7.01 -4.96
N GLU A 198 0.24 -6.58 -5.13
CA GLU A 198 1.16 -7.25 -6.02
C GLU A 198 1.48 -8.70 -5.63
N GLU A 199 1.72 -8.93 -4.35
CA GLU A 199 2.11 -10.25 -3.86
C GLU A 199 1.91 -10.29 -2.35
N THR A 200 1.79 -11.47 -1.77
CA THR A 200 1.50 -11.55 -0.34
C THR A 200 1.98 -12.85 0.29
N LEU A 201 2.07 -12.83 1.61
CA LEU A 201 2.21 -14.06 2.39
C LEU A 201 1.05 -14.08 3.36
N LEU A 202 0.28 -15.17 3.35
CA LEU A 202 -0.76 -15.38 4.36
C LEU A 202 -0.06 -15.89 5.63
N ALA A 203 -0.21 -15.18 6.73
CA ALA A 203 0.58 -15.48 7.92
C ALA A 203 -0.31 -16.08 9.00
N TYR A 204 0.15 -17.17 9.58
CA TYR A 204 -0.67 -17.94 10.51
C TYR A 204 0.20 -18.88 11.35
N HIS A 205 -0.34 -19.34 12.46
CA HIS A 205 0.47 -20.02 13.47
C HIS A 205 0.40 -21.55 13.36
N ARG A 206 -0.57 -22.06 12.61
CA ARG A 206 -0.61 -23.49 12.31
C ARG A 206 0.10 -23.82 11.01
N PRO A 207 0.59 -25.06 10.88
CA PRO A 207 1.17 -25.44 9.61
C PRO A 207 0.06 -25.70 8.62
N TRP A 208 0.35 -25.61 7.33
CA TRP A 208 -0.70 -25.83 6.33
C TRP A 208 -0.39 -27.08 5.48
N LYS A 209 -0.98 -28.20 5.88
CA LYS A 209 -0.64 -29.48 5.25
C LYS A 209 -1.07 -29.50 3.78
N LEU A 210 -2.32 -29.16 3.54
CA LEU A 210 -2.84 -29.06 2.20
C LEU A 210 -1.96 -28.19 1.31
N GLY A 211 -1.35 -27.18 1.91
CA GLY A 211 -0.52 -26.23 1.18
C GLY A 211 0.72 -26.88 0.62
N GLU A 212 1.22 -27.89 1.33
CA GLU A 212 2.40 -28.60 0.88
C GLU A 212 2.06 -29.41 -0.35
N GLN A 213 0.94 -30.13 -0.30
CA GLN A 213 0.54 -30.95 -1.43
C GLN A 213 0.23 -30.07 -2.64
N ILE A 214 -0.47 -28.97 -2.41
CA ILE A 214 -0.73 -28.04 -3.50
C ILE A 214 0.59 -27.61 -4.14
N SER A 215 1.58 -27.38 -3.30
CA SER A 215 2.93 -27.04 -3.77
C SER A 215 3.45 -28.05 -4.79
N ARG A 216 3.34 -29.33 -4.45
CA ARG A 216 3.82 -30.42 -5.29
C ARG A 216 2.90 -30.77 -6.47
N ASN A 217 2.08 -29.81 -6.90
CA ASN A 217 1.11 -30.03 -7.98
C ASN A 217 0.21 -31.26 -7.90
N GLU A 218 -0.18 -31.68 -6.69
CA GLU A 218 -0.99 -32.88 -6.55
C GLU A 218 -2.47 -32.69 -6.90
N PHE A 219 -2.91 -31.45 -7.08
CA PHE A 219 -4.32 -31.20 -7.36
C PHE A 219 -4.51 -30.27 -8.53
N ALA A 220 -5.76 -30.14 -8.95
CA ALA A 220 -6.13 -29.21 -10.02
C ALA A 220 -6.10 -27.77 -9.53
N VAL A 221 -5.92 -27.59 -8.23
CA VAL A 221 -5.81 -26.27 -7.64
C VAL A 221 -4.36 -25.87 -7.53
N LYS A 222 -4.05 -24.67 -8.03
CA LYS A 222 -2.67 -24.23 -8.05
C LYS A 222 -2.42 -23.06 -7.10
N MET A 223 -1.24 -23.05 -6.52
CA MET A 223 -0.77 -21.93 -5.74
C MET A 223 -0.17 -20.91 -6.69
N ARG A 224 -0.74 -19.72 -6.73
CA ARG A 224 -0.22 -18.63 -7.55
C ARG A 224 1.22 -18.29 -7.18
N PRO A 225 2.03 -17.90 -8.17
CA PRO A 225 3.43 -17.65 -7.88
C PRO A 225 3.60 -16.39 -7.02
N ASN A 226 2.57 -15.55 -6.90
CA ASN A 226 2.71 -14.38 -6.07
C ASN A 226 2.02 -14.51 -4.70
N GLN A 227 1.74 -15.74 -4.31
CA GLN A 227 1.18 -16.05 -2.99
C GLN A 227 2.12 -16.99 -2.22
N GLY A 228 2.27 -16.77 -0.93
CA GLY A 228 3.05 -17.66 -0.09
C GLY A 228 2.34 -17.96 1.21
N TYR A 229 2.82 -18.96 1.93
CA TYR A 229 2.30 -19.25 3.26
C TYR A 229 3.41 -19.10 4.27
N LEU A 230 3.15 -18.29 5.29
CA LEU A 230 4.17 -17.98 6.26
C LEU A 230 3.71 -18.41 7.62
N MET A 231 4.36 -19.43 8.17
CA MET A 231 3.97 -19.93 9.47
C MET A 231 4.71 -19.12 10.52
N VAL A 232 3.97 -18.52 11.45
CA VAL A 232 4.60 -17.71 12.49
C VAL A 232 4.54 -18.42 13.82
N SER A 233 5.54 -18.17 14.65
CA SER A 233 5.56 -18.68 16.01
C SER A 233 6.35 -17.73 16.89
N GLU A 234 5.92 -17.60 18.15
CA GLU A 234 6.59 -16.71 19.08
C GLU A 234 7.70 -17.41 19.87
N PHE B 13 12.06 22.86 12.21
CA PHE B 13 12.51 22.78 10.82
C PHE B 13 13.47 23.90 10.42
N LYS B 14 14.66 23.53 9.96
CA LYS B 14 15.58 24.50 9.37
C LYS B 14 15.32 24.56 7.86
N THR B 15 15.61 25.69 7.23
CA THR B 15 15.37 25.79 5.80
C THR B 15 16.62 26.21 5.02
N GLU B 16 16.65 25.83 3.74
CA GLU B 16 17.66 26.32 2.80
C GLU B 16 17.00 26.67 1.47
N THR B 17 17.32 27.86 0.98
CA THR B 17 16.61 28.40 -0.17
C THR B 17 17.53 28.29 -1.38
N LEU B 18 16.94 28.36 -2.57
CA LEU B 18 17.72 28.11 -3.78
C LEU B 18 18.63 29.30 -4.15
N THR B 19 18.06 30.51 -4.17
CA THR B 19 18.79 31.70 -4.60
C THR B 19 18.41 32.91 -3.75
N GLN B 20 19.00 34.07 -4.04
CA GLN B 20 18.69 35.31 -3.32
C GLN B 20 17.23 35.71 -3.54
N ASN B 21 16.76 35.52 -4.77
CA ASN B 21 15.36 35.75 -5.09
C ASN B 21 14.41 34.81 -4.33
N CYS B 22 14.74 33.53 -4.32
CA CYS B 22 14.02 32.57 -3.49
C CYS B 22 13.89 33.14 -2.08
N ASN B 23 14.94 33.82 -1.60
CA ASN B 23 14.96 34.36 -0.25
C ASN B 23 14.06 35.59 -0.02
N GLU B 24 13.76 36.32 -1.10
CA GLU B 24 12.85 37.47 -1.00
C GLU B 24 11.38 37.02 -0.89
N ILE B 25 11.06 35.90 -1.51
CA ILE B 25 9.75 35.30 -1.40
C ILE B 25 9.59 34.77 0.01
N LEU B 26 10.63 34.10 0.51
CA LEU B 26 10.59 33.54 1.84
C LEU B 26 10.26 34.62 2.89
N LYS B 27 10.89 35.79 2.76
CA LYS B 27 10.70 36.82 3.77
C LYS B 27 9.25 37.30 3.81
N ARG B 28 8.58 37.30 2.68
CA ARG B 28 7.17 37.69 2.65
C ARG B 28 6.20 36.66 3.24
N ARG B 29 6.59 35.38 3.28
CA ARG B 29 5.80 34.33 3.93
C ARG B 29 4.37 34.16 3.43
N ARG B 30 4.10 34.46 2.17
CA ARG B 30 2.72 34.44 1.71
C ARG B 30 2.13 33.05 1.47
N HIS B 31 2.93 32.13 0.93
CA HIS B 31 2.40 30.84 0.54
C HIS B 31 3.46 29.75 0.42
N VAL B 32 3.15 28.57 0.93
CA VAL B 32 4.06 27.45 0.82
C VAL B 32 3.32 26.24 0.27
N LEU B 33 3.94 25.58 -0.69
CA LEU B 33 3.40 24.36 -1.26
C LEU B 33 4.19 23.19 -0.67
N VAL B 34 3.53 22.39 0.16
CA VAL B 34 4.19 21.31 0.88
C VAL B 34 4.07 20.01 0.10
N GLY B 35 5.22 19.46 -0.31
CA GLY B 35 5.25 18.24 -1.10
C GLY B 35 5.15 17.01 -0.24
N ILE B 36 4.29 16.07 -0.63
CA ILE B 36 4.18 14.81 0.09
C ILE B 36 4.27 13.68 -0.93
N SER B 37 5.29 12.84 -0.81
CA SER B 37 5.44 11.74 -1.75
C SER B 37 4.82 10.48 -1.22
N PRO B 38 4.16 9.71 -2.11
CA PRO B 38 3.47 8.48 -1.71
C PRO B 38 4.46 7.36 -1.38
N PHE B 39 5.69 7.49 -1.86
CA PHE B 39 6.64 6.39 -1.74
C PHE B 39 7.86 6.68 -0.88
N ASN B 40 8.12 7.95 -0.62
CA ASN B 40 9.26 8.29 0.22
C ASN B 40 9.06 7.86 1.69
N SER B 41 10.03 7.14 2.23
CA SER B 41 9.89 6.57 3.58
C SER B 41 9.73 7.64 4.65
N ARG B 42 10.15 8.87 4.35
CA ARG B 42 10.06 9.93 5.34
C ARG B 42 8.63 10.29 5.79
N PHE B 43 7.62 10.00 4.97
CA PHE B 43 6.28 10.51 5.20
C PHE B 43 5.32 9.66 6.06
N SER B 44 5.69 9.46 7.32
CA SER B 44 4.77 8.90 8.31
C SER B 44 3.70 9.92 8.69
N GLU B 45 2.57 9.43 9.18
CA GLU B 45 1.49 10.30 9.66
C GLU B 45 2.04 11.38 10.60
N ASP B 46 2.95 10.97 11.46
CA ASP B 46 3.54 11.87 12.44
C ASP B 46 4.44 12.94 11.82
N TYR B 47 5.25 12.54 10.85
CA TYR B 47 6.07 13.51 10.13
C TYR B 47 5.20 14.54 9.39
N ILE B 48 4.14 14.06 8.76
CA ILE B 48 3.24 14.91 8.00
C ILE B 48 2.58 15.94 8.93
N HIS B 49 2.27 15.53 10.16
CA HIS B 49 1.63 16.46 11.09
C HIS B 49 2.59 17.54 11.52
N ARG B 50 3.82 17.17 11.79
CA ARG B 50 4.81 18.16 12.22
C ARG B 50 5.15 19.12 11.08
N LEU B 51 5.24 18.58 9.88
CA LEU B 51 5.56 19.38 8.71
C LEU B 51 4.46 20.42 8.47
N ILE B 52 3.22 19.99 8.52
CA ILE B 52 2.12 20.88 8.23
C ILE B 52 1.92 21.91 9.35
N ALA B 53 2.12 21.47 10.58
CA ALA B 53 2.08 22.35 11.74
C ALA B 53 3.11 23.45 11.58
N TRP B 54 4.32 23.05 11.21
CA TRP B 54 5.38 24.03 10.94
C TRP B 54 4.99 24.98 9.80
N ALA B 55 4.41 24.44 8.73
CA ALA B 55 4.07 25.25 7.58
C ALA B 55 2.95 26.25 7.87
N VAL B 56 1.93 25.83 8.62
CA VAL B 56 0.82 26.74 8.97
C VAL B 56 1.28 27.83 9.97
N ARG B 57 2.28 27.52 10.79
CA ARG B 57 2.85 28.50 11.70
C ARG B 57 3.67 29.56 11.00
N GLU B 58 4.31 29.19 9.89
CA GLU B 58 5.32 30.04 9.28
C GLU B 58 4.77 30.79 8.09
N PHE B 59 3.70 30.27 7.49
CA PHE B 59 3.19 30.83 6.25
C PHE B 59 1.72 31.22 6.32
N GLN B 60 1.39 32.32 5.66
CA GLN B 60 0.01 32.79 5.61
C GLN B 60 -0.93 31.71 5.09
N SER B 61 -0.57 31.12 3.96
CA SER B 61 -1.37 30.08 3.34
C SER B 61 -0.53 28.87 3.07
N VAL B 62 -1.13 27.70 3.18
CA VAL B 62 -0.42 26.45 2.99
C VAL B 62 -1.22 25.53 2.09
N SER B 63 -0.60 25.07 1.00
CA SER B 63 -1.23 24.10 0.13
C SER B 63 -0.40 22.82 0.15
N VAL B 64 -1.00 21.72 -0.27
CA VAL B 64 -0.29 20.46 -0.27
C VAL B 64 -0.27 19.85 -1.67
N LEU B 65 0.88 19.31 -2.05
CA LEU B 65 1.02 18.68 -3.35
C LEU B 65 1.26 17.19 -3.17
N LEU B 66 0.34 16.39 -3.69
CA LEU B 66 0.46 14.94 -3.66
C LEU B 66 0.89 14.42 -5.02
N ALA B 67 1.36 13.18 -5.10
CA ALA B 67 1.73 12.59 -6.38
C ALA B 67 0.51 12.38 -7.25
N GLY B 68 0.70 12.52 -8.57
CA GLY B 68 -0.35 12.18 -9.52
C GLY B 68 -0.25 10.73 -9.99
N LYS B 69 -1.02 10.42 -11.04
CA LYS B 69 -1.10 9.06 -11.57
C LYS B 69 0.29 8.50 -11.88
N GLU B 70 1.18 9.35 -12.39
CA GLU B 70 2.49 8.93 -12.89
C GLU B 70 3.38 8.26 -11.84
N ALA B 71 3.00 8.37 -10.58
CA ALA B 71 3.69 7.62 -9.53
C ALA B 71 3.67 6.13 -9.87
N ALA B 72 2.66 5.68 -10.62
CA ALA B 72 2.62 4.27 -11.00
C ALA B 72 3.87 3.86 -11.80
N ASN B 73 4.42 4.78 -12.60
CA ASN B 73 5.66 4.54 -13.33
C ASN B 73 6.84 4.21 -12.42
N LEU B 74 6.90 4.79 -11.24
CA LEU B 74 7.97 4.42 -10.30
C LEU B 74 7.84 2.95 -9.92
N LEU B 75 6.61 2.49 -9.68
CA LEU B 75 6.40 1.09 -9.28
C LEU B 75 6.65 0.15 -10.45
N GLU B 76 6.16 0.51 -11.63
CA GLU B 76 6.38 -0.30 -12.81
C GLU B 76 7.87 -0.42 -13.14
N ALA B 77 8.60 0.68 -12.99
CA ALA B 77 10.02 0.66 -13.23
C ALA B 77 10.68 -0.43 -12.40
N LEU B 78 10.10 -0.72 -11.24
CA LEU B 78 10.66 -1.70 -10.33
C LEU B 78 10.00 -3.07 -10.46
N GLY B 79 9.26 -3.27 -11.55
CA GLY B 79 8.73 -4.57 -11.84
C GLY B 79 7.29 -4.80 -11.43
N THR B 80 6.67 -3.83 -10.75
CA THR B 80 5.25 -3.94 -10.42
C THR B 80 4.44 -3.85 -11.69
N PRO B 81 3.51 -4.80 -11.88
CA PRO B 81 2.64 -4.80 -13.05
C PRO B 81 1.71 -3.62 -13.02
N HIS B 82 1.35 -3.11 -14.19
CA HIS B 82 0.56 -1.89 -14.33
C HIS B 82 -0.67 -1.82 -13.43
N GLY B 83 -1.52 -2.84 -13.48
CA GLY B 83 -2.74 -2.87 -12.66
C GLY B 83 -2.48 -2.78 -11.16
N LYS B 84 -1.50 -3.55 -10.68
CA LYS B 84 -1.07 -3.48 -9.29
C LYS B 84 -0.53 -2.10 -8.91
N ALA B 85 0.26 -1.50 -9.79
CA ALA B 85 0.93 -0.22 -9.52
C ALA B 85 -0.13 0.86 -9.30
N GLU B 86 -1.06 0.92 -10.24
CA GLU B 86 -2.10 1.92 -10.22
C GLU B 86 -2.95 1.87 -8.95
N ARG B 87 -3.25 0.68 -8.46
CA ARG B 87 -4.08 0.66 -7.26
C ARG B 87 -3.25 0.85 -5.98
N LYS B 88 -1.99 0.48 -6.02
CA LYS B 88 -1.08 0.77 -4.93
C LYS B 88 -0.91 2.28 -4.76
N VAL B 89 -0.86 2.99 -5.88
CA VAL B 89 -0.75 4.44 -5.86
C VAL B 89 -2.02 5.11 -5.31
N ARG B 90 -3.17 4.73 -5.83
CA ARG B 90 -4.45 5.26 -5.38
C ARG B 90 -4.57 5.10 -3.86
N LYS B 91 -4.11 3.97 -3.35
CA LYS B 91 -4.16 3.68 -1.91
C LYS B 91 -3.20 4.53 -1.08
N GLU B 92 -1.93 4.59 -1.48
CA GLU B 92 -0.95 5.37 -0.73
C GLU B 92 -1.22 6.88 -0.76
N VAL B 93 -1.71 7.36 -1.89
CA VAL B 93 -2.01 8.77 -2.05
C VAL B 93 -3.23 9.10 -1.20
N SER B 94 -4.16 8.17 -1.11
CA SER B 94 -5.36 8.41 -0.30
C SER B 94 -5.02 8.47 1.17
N ARG B 95 -4.03 7.68 1.54
CA ARG B 95 -3.50 7.67 2.88
C ARG B 95 -2.80 9.01 3.16
N ASN B 96 -1.92 9.44 2.26
CA ASN B 96 -1.24 10.72 2.44
C ASN B 96 -2.26 11.84 2.60
N ARG B 97 -3.30 11.81 1.77
CA ARG B 97 -4.30 12.86 1.74
C ARG B 97 -5.05 12.97 3.06
N ARG B 98 -5.43 11.83 3.61
CA ARG B 98 -6.17 11.82 4.88
C ARG B 98 -5.29 12.37 6.00
N PHE B 99 -4.03 11.98 6.01
CA PHE B 99 -3.11 12.51 7.03
C PHE B 99 -3.01 14.04 6.90
N ALA B 100 -2.84 14.53 5.67
CA ALA B 100 -2.69 15.96 5.45
C ALA B 100 -3.97 16.71 5.79
N GLU B 101 -5.12 16.11 5.46
CA GLU B 101 -6.40 16.75 5.78
C GLU B 101 -6.49 16.96 7.29
N LYS B 102 -6.26 15.90 8.05
CA LYS B 102 -6.39 15.99 9.49
C LYS B 102 -5.39 17.00 10.08
N ALA B 103 -4.16 16.98 9.56
CA ALA B 103 -3.11 17.89 10.05
C ALA B 103 -3.47 19.34 9.75
N LEU B 104 -4.00 19.60 8.56
CA LEU B 104 -4.40 20.93 8.18
C LEU B 104 -5.54 21.42 9.08
N GLU B 105 -6.59 20.60 9.25
CA GLU B 105 -7.68 20.94 10.16
C GLU B 105 -7.12 21.20 11.56
N ALA B 106 -6.38 20.25 12.08
CA ALA B 106 -5.87 20.36 13.43
C ALA B 106 -5.16 21.70 13.70
N HIS B 107 -4.52 22.26 12.69
CA HIS B 107 -3.68 23.45 12.92
C HIS B 107 -4.22 24.73 12.30
N GLY B 108 -5.46 24.68 11.81
CA GLY B 108 -6.13 25.88 11.36
C GLY B 108 -5.95 26.18 9.89
N GLY B 109 -5.34 25.25 9.16
CA GLY B 109 -5.27 25.35 7.72
C GLY B 109 -6.55 24.85 7.09
N ASN B 110 -6.60 24.83 5.77
CA ASN B 110 -7.79 24.41 5.04
C ASN B 110 -7.56 23.10 4.27
N PRO B 111 -8.19 22.02 4.72
CA PRO B 111 -8.05 20.65 4.23
C PRO B 111 -8.44 20.48 2.77
N GLU B 112 -8.98 21.53 2.16
CA GLU B 112 -9.30 21.54 0.73
C GLU B 112 -8.14 22.00 -0.14
N ASP B 113 -7.12 22.59 0.48
CA ASP B 113 -5.94 23.03 -0.27
C ASP B 113 -4.94 21.88 -0.49
N ILE B 114 -5.47 20.73 -0.90
CA ILE B 114 -4.65 19.57 -1.20
C ILE B 114 -4.82 19.21 -2.66
N HIS B 115 -3.72 19.07 -3.37
CA HIS B 115 -3.79 18.75 -4.79
C HIS B 115 -2.86 17.63 -5.17
N THR B 116 -3.23 16.95 -6.22
CA THR B 116 -2.37 15.99 -6.90
C THR B 116 -1.81 16.65 -8.16
N PHE B 117 -0.60 16.30 -8.60
CA PHE B 117 -0.07 16.95 -9.79
C PHE B 117 -0.70 16.46 -11.08
N SER B 118 -1.78 15.69 -10.95
CA SER B 118 -2.59 15.23 -12.07
C SER B 118 -3.91 15.96 -12.16
N ASP B 119 -4.27 16.73 -11.11
CA ASP B 119 -5.58 17.38 -11.05
C ASP B 119 -5.77 18.47 -12.10
N PHE B 120 -4.74 18.75 -12.88
CA PHE B 120 -4.71 19.93 -13.73
C PHE B 120 -4.37 19.56 -15.13
N ALA B 121 -4.57 18.30 -15.46
CA ALA B 121 -4.25 17.77 -16.78
C ALA B 121 -4.92 18.58 -17.90
N ASN B 122 -6.03 19.24 -17.60
CA ASN B 122 -6.77 19.97 -18.62
C ASN B 122 -6.61 21.48 -18.57
N GLN B 123 -5.94 22.01 -17.55
CA GLN B 123 -5.84 23.45 -17.47
C GLN B 123 -4.67 23.97 -18.31
N THR B 124 -4.89 25.14 -18.89
CA THR B 124 -3.97 25.68 -19.87
C THR B 124 -2.59 25.92 -19.27
N ALA B 125 -2.55 26.52 -18.09
CA ALA B 125 -1.25 26.79 -17.46
C ALA B 125 -0.44 25.50 -17.30
N TYR B 126 -1.04 24.46 -16.72
CA TYR B 126 -0.28 23.24 -16.47
C TYR B 126 0.14 22.60 -17.78
N ARG B 127 -0.80 22.45 -18.71
CA ARG B 127 -0.52 21.86 -20.02
C ARG B 127 0.65 22.55 -20.71
N ASN B 128 0.62 23.88 -20.72
CA ASN B 128 1.69 24.69 -21.29
C ASN B 128 3.03 24.39 -20.64
N LEU B 129 3.06 24.43 -19.31
CA LEU B 129 4.28 24.11 -18.61
C LEU B 129 4.72 22.69 -18.96
N ARG B 130 3.78 21.76 -19.02
CA ARG B 130 4.18 20.40 -19.32
C ARG B 130 4.74 20.29 -20.73
N MET B 131 4.15 21.02 -21.67
CA MET B 131 4.68 21.01 -23.03
C MET B 131 6.07 21.59 -23.08
N GLU B 132 6.30 22.67 -22.33
CA GLU B 132 7.62 23.24 -22.20
C GLU B 132 8.65 22.24 -21.63
N VAL B 133 8.28 21.50 -20.59
CA VAL B 133 9.21 20.54 -19.98
C VAL B 133 9.52 19.35 -20.90
N GLU B 134 8.48 18.80 -21.50
CA GLU B 134 8.63 17.74 -22.49
C GLU B 134 9.51 18.17 -23.67
N ALA B 135 9.26 19.36 -24.20
CA ALA B 135 10.07 19.86 -25.30
C ALA B 135 11.56 19.84 -24.93
N ALA B 136 11.92 20.39 -23.78
CA ALA B 136 13.32 20.44 -23.39
C ALA B 136 13.88 19.04 -23.21
N PHE B 137 13.05 18.13 -22.70
CA PHE B 137 13.46 16.76 -22.46
C PHE B 137 13.89 16.08 -23.76
N PHE B 138 13.14 16.31 -24.84
CA PHE B 138 13.44 15.72 -26.14
C PHE B 138 14.52 16.48 -26.92
N ASP B 139 14.58 17.81 -26.76
CA ASP B 139 15.55 18.61 -27.51
C ASP B 139 16.96 18.69 -26.92
N GLN B 140 17.08 18.70 -25.60
CA GLN B 140 18.37 18.85 -24.94
C GLN B 140 18.78 17.63 -24.17
N THR B 141 19.87 17.02 -24.61
CA THR B 141 20.43 15.88 -23.94
C THR B 141 20.77 16.15 -22.47
N HIS B 142 21.28 17.35 -22.20
CA HIS B 142 21.74 17.67 -20.85
C HIS B 142 20.57 17.79 -19.90
N PHE B 143 19.45 18.27 -20.42
CA PHE B 143 18.24 18.35 -19.63
C PHE B 143 17.66 16.96 -19.48
N ARG B 144 17.68 16.19 -20.55
CA ARG B 144 17.19 14.82 -20.47
C ARG B 144 17.94 14.04 -19.38
N ASN B 145 19.26 14.08 -19.42
CA ASN B 145 20.06 13.41 -18.38
C ASN B 145 19.73 13.96 -17.00
N ALA B 146 19.45 15.25 -16.90
CA ALA B 146 19.11 15.81 -15.59
C ALA B 146 17.80 15.23 -15.07
N CYS B 147 16.83 15.06 -15.96
CA CYS B 147 15.55 14.49 -15.56
C CYS B 147 15.68 13.02 -15.14
N LEU B 148 16.40 12.25 -15.95
CA LEU B 148 16.68 10.84 -15.66
C LEU B 148 17.34 10.65 -14.28
N GLU B 149 18.35 11.46 -14.00
CA GLU B 149 18.98 11.43 -12.69
C GLU B 149 17.97 11.77 -11.59
N MET B 150 17.06 12.68 -11.88
CA MET B 150 16.02 13.02 -10.93
C MET B 150 15.03 11.86 -10.69
N SER B 151 14.74 11.07 -11.73
CA SER B 151 13.83 9.94 -11.53
C SER B 151 14.55 8.83 -10.74
N HIS B 152 15.87 8.77 -10.90
CA HIS B 152 16.71 7.85 -10.15
C HIS B 152 16.65 8.16 -8.65
N ALA B 153 16.77 9.43 -8.31
CA ALA B 153 16.61 9.87 -6.93
C ALA B 153 15.23 9.51 -6.41
N ALA B 154 14.21 9.59 -7.26
CA ALA B 154 12.84 9.29 -6.86
C ALA B 154 12.68 7.81 -6.51
N ILE B 155 13.35 6.95 -7.28
CA ILE B 155 13.36 5.52 -7.04
C ILE B 155 14.00 5.13 -5.70
N LEU B 156 15.04 5.86 -5.31
CA LEU B 156 15.76 5.59 -4.06
C LEU B 156 14.94 5.89 -2.81
N GLY B 157 13.84 6.65 -2.98
CA GLY B 157 12.96 7.02 -1.88
C GLY B 157 12.24 5.84 -1.22
N ARG B 158 11.80 4.89 -2.04
CA ARG B 158 11.09 3.70 -1.59
C ARG B 158 11.88 2.92 -0.52
N GLY B 161 10.53 -0.48 4.67
CA GLY B 161 9.70 -1.67 4.84
C GLY B 161 10.38 -2.70 5.72
N THR B 162 11.44 -3.30 5.18
CA THR B 162 12.29 -4.26 5.90
C THR B 162 13.17 -5.06 4.94
N ARG B 163 12.78 -5.13 3.68
CA ARG B 163 13.54 -5.87 2.67
C ARG B 163 15.01 -5.55 2.80
N MET B 164 15.87 -6.53 2.51
CA MET B 164 17.30 -6.31 2.59
C MET B 164 18.03 -6.77 1.32
N ASP B 165 17.43 -6.50 0.18
CA ASP B 165 18.05 -6.81 -1.13
C ASP B 165 18.03 -5.59 -2.04
N VAL B 166 19.21 -5.02 -2.30
CA VAL B 166 19.35 -3.87 -3.19
C VAL B 166 19.12 -4.26 -4.65
N VAL B 167 18.43 -3.40 -5.40
CA VAL B 167 18.17 -3.68 -6.81
C VAL B 167 19.01 -2.80 -7.74
N GLU B 168 19.48 -3.37 -8.84
CA GLU B 168 20.18 -2.60 -9.86
C GLU B 168 19.19 -1.66 -10.56
N VAL B 169 19.60 -0.40 -10.75
CA VAL B 169 18.80 0.56 -11.49
C VAL B 169 19.36 0.74 -12.90
N SER B 170 18.62 0.29 -13.90
CA SER B 170 19.08 0.31 -15.27
C SER B 170 18.58 1.54 -16.01
N ALA B 171 19.14 1.82 -17.19
CA ALA B 171 18.69 2.94 -18.00
C ALA B 171 17.24 2.73 -18.45
N ASP B 172 16.86 1.47 -18.67
CA ASP B 172 15.50 1.16 -19.05
C ASP B 172 14.49 1.50 -17.97
N MET B 173 14.87 1.27 -16.71
CA MET B 173 14.03 1.62 -15.59
C MET B 173 13.85 3.14 -15.49
N LEU B 174 14.93 3.90 -15.70
CA LEU B 174 14.82 5.35 -15.61
C LEU B 174 13.93 5.93 -16.73
N GLU B 175 13.98 5.33 -17.91
CA GLU B 175 13.14 5.80 -19.00
C GLU B 175 11.66 5.65 -18.70
N LEU B 176 11.30 4.60 -17.98
CA LEU B 176 9.91 4.40 -17.65
C LEU B 176 9.54 5.35 -16.50
N ALA B 177 10.44 5.45 -15.53
CA ALA B 177 10.18 6.26 -14.35
C ALA B 177 10.14 7.78 -14.59
N VAL B 178 10.84 8.27 -15.61
CA VAL B 178 11.07 9.72 -15.75
C VAL B 178 9.76 10.44 -16.11
N GLU B 179 8.80 9.67 -16.58
CA GLU B 179 7.45 10.14 -16.80
C GLU B 179 6.90 10.87 -15.56
N TYR B 180 7.20 10.31 -14.38
CA TYR B 180 6.82 10.91 -13.09
C TYR B 180 7.49 12.27 -12.89
N VAL B 181 8.77 12.37 -13.22
CA VAL B 181 9.48 13.64 -13.09
C VAL B 181 8.92 14.70 -14.04
N ILE B 182 8.60 14.30 -15.26
CA ILE B 182 8.06 15.22 -16.24
C ILE B 182 6.71 15.78 -15.79
N ALA B 183 5.88 14.91 -15.19
CA ALA B 183 4.56 15.29 -14.71
C ALA B 183 4.60 16.28 -13.54
N GLU B 184 5.55 16.09 -12.63
CA GLU B 184 5.59 16.94 -11.44
C GLU B 184 6.35 18.26 -11.66
N LEU B 185 7.26 18.29 -12.63
CA LEU B 185 8.12 19.47 -12.84
C LEU B 185 7.41 20.82 -12.99
N PRO B 186 6.24 20.85 -13.65
CA PRO B 186 5.57 22.16 -13.71
C PRO B 186 5.35 22.80 -12.33
N PHE B 187 5.14 21.99 -11.29
CA PHE B 187 4.99 22.54 -9.95
C PHE B 187 6.31 23.00 -9.33
N PHE B 188 7.44 22.56 -9.88
CA PHE B 188 8.73 23.05 -9.42
C PHE B 188 9.13 24.39 -10.03
N ILE B 189 8.53 24.75 -11.18
CA ILE B 189 8.96 25.95 -11.88
C ILE B 189 7.90 27.03 -11.97
N ALA B 190 6.64 26.67 -11.78
CA ALA B 190 5.58 27.67 -11.92
C ALA B 190 4.28 27.29 -11.24
N ALA B 191 4.39 26.82 -10.00
CA ALA B 191 3.22 26.49 -9.21
C ALA B 191 2.24 27.69 -9.11
N PRO B 192 2.76 28.91 -8.90
CA PRO B 192 1.82 30.03 -8.82
C PRO B 192 0.89 30.12 -10.04
N ASP B 193 1.40 29.87 -11.23
CA ASP B 193 0.55 29.92 -12.42
C ASP B 193 -0.53 28.86 -12.40
N ILE B 194 -0.21 27.69 -11.83
CA ILE B 194 -1.15 26.57 -11.87
C ILE B 194 -2.20 26.72 -10.78
N LEU B 195 -1.78 27.29 -9.66
CA LEU B 195 -2.58 27.33 -8.45
C LEU B 195 -3.35 28.64 -8.31
N GLY B 196 -2.91 29.68 -9.03
CA GLY B 196 -3.55 30.97 -8.97
C GLY B 196 -3.15 31.80 -7.75
N VAL B 197 -1.91 31.66 -7.30
CA VAL B 197 -1.44 32.48 -6.19
C VAL B 197 -0.36 33.41 -6.72
N GLU B 198 0.00 34.42 -5.95
CA GLU B 198 0.94 35.42 -6.42
C GLU B 198 2.34 34.85 -6.45
N GLU B 199 2.70 34.08 -5.44
CA GLU B 199 4.04 33.53 -5.34
C GLU B 199 4.05 32.38 -4.34
N THR B 200 5.02 31.49 -4.47
CA THR B 200 5.08 30.32 -3.61
C THR B 200 6.47 29.75 -3.49
N LEU B 201 6.66 28.95 -2.46
CA LEU B 201 7.85 28.14 -2.33
C LEU B 201 7.39 26.69 -2.29
N LEU B 202 8.07 25.82 -3.03
CA LEU B 202 7.79 24.41 -2.93
C LEU B 202 8.72 23.86 -1.86
N ALA B 203 8.14 23.23 -0.85
CA ALA B 203 8.90 22.80 0.31
C ALA B 203 9.02 21.28 0.32
N TYR B 204 10.24 20.81 0.47
CA TYR B 204 10.51 19.39 0.39
C TYR B 204 11.87 19.14 1.04
N HIS B 205 12.13 17.90 1.44
CA HIS B 205 13.31 17.59 2.25
C HIS B 205 14.53 17.13 1.44
N ARG B 206 14.36 16.94 0.14
CA ARG B 206 15.49 16.58 -0.72
C ARG B 206 16.06 17.82 -1.38
N PRO B 207 17.37 17.79 -1.66
CA PRO B 207 17.96 18.82 -2.51
C PRO B 207 17.41 18.64 -3.91
N TRP B 208 17.30 19.75 -4.65
CA TRP B 208 16.85 19.71 -6.04
C TRP B 208 18.02 20.12 -6.93
N LYS B 209 18.89 19.16 -7.24
CA LYS B 209 20.06 19.47 -8.07
C LYS B 209 19.64 20.07 -9.41
N LEU B 210 18.67 19.43 -10.06
CA LEU B 210 18.15 19.93 -11.32
C LEU B 210 17.83 21.41 -11.18
N GLY B 211 17.22 21.76 -10.05
CA GLY B 211 16.86 23.13 -9.78
C GLY B 211 18.02 24.10 -9.73
N GLU B 212 19.15 23.64 -9.20
CA GLU B 212 20.35 24.46 -9.20
C GLU B 212 20.78 24.77 -10.64
N GLN B 213 20.79 23.76 -11.50
CA GLN B 213 21.19 23.94 -12.90
C GLN B 213 20.22 24.86 -13.65
N ILE B 214 18.93 24.75 -13.35
CA ILE B 214 17.93 25.59 -14.00
C ILE B 214 18.13 27.06 -13.66
N SER B 215 18.53 27.32 -12.43
CA SER B 215 18.73 28.70 -11.98
C SER B 215 19.92 29.36 -12.68
N ARG B 216 21.00 28.61 -12.86
CA ARG B 216 22.13 29.06 -13.67
C ARG B 216 21.78 29.08 -15.15
N ASN B 217 20.50 28.86 -15.49
CA ASN B 217 20.04 28.96 -16.88
C ASN B 217 20.70 28.00 -17.87
N GLU B 218 20.84 26.74 -17.49
CA GLU B 218 21.51 25.78 -18.36
C GLU B 218 20.54 25.06 -19.30
N PHE B 219 19.26 25.36 -19.16
CA PHE B 219 18.23 24.62 -19.88
C PHE B 219 17.21 25.54 -20.56
N ALA B 220 16.48 24.99 -21.52
CA ALA B 220 15.38 25.71 -22.15
C ALA B 220 14.27 26.01 -21.14
N VAL B 221 14.05 25.09 -20.21
CA VAL B 221 13.13 25.33 -19.12
C VAL B 221 13.68 26.39 -18.16
N LYS B 222 12.88 27.42 -17.87
CA LYS B 222 13.27 28.47 -16.92
C LYS B 222 12.40 28.45 -15.66
N MET B 223 13.00 28.72 -14.51
CA MET B 223 12.20 28.84 -13.30
C MET B 223 11.60 30.24 -13.20
N ARG B 224 10.30 30.30 -12.91
CA ARG B 224 9.62 31.57 -12.83
C ARG B 224 10.06 32.37 -11.60
N PRO B 225 10.03 33.71 -11.69
CA PRO B 225 10.56 34.58 -10.61
C PRO B 225 9.71 34.61 -9.35
N ASN B 226 8.42 34.27 -9.46
CA ASN B 226 7.56 34.21 -8.29
C ASN B 226 7.45 32.79 -7.70
N GLN B 227 8.50 31.98 -7.93
CA GLN B 227 8.56 30.61 -7.44
C GLN B 227 9.95 30.30 -6.86
N GLY B 228 9.99 29.64 -5.71
CA GLY B 228 11.25 29.15 -5.17
C GLY B 228 11.22 27.69 -4.72
N TYR B 229 12.39 27.13 -4.41
CA TYR B 229 12.42 25.81 -3.82
C TYR B 229 12.97 26.00 -2.42
N LEU B 230 12.29 25.39 -1.46
CA LEU B 230 12.63 25.54 -0.07
C LEU B 230 12.91 24.15 0.51
N MET B 231 14.17 23.88 0.74
CA MET B 231 14.59 22.60 1.28
C MET B 231 14.50 22.63 2.82
N VAL B 232 13.69 21.72 3.37
CA VAL B 232 13.43 21.67 4.80
C VAL B 232 14.03 20.44 5.47
N SER B 233 14.40 20.58 6.74
CA SER B 233 14.82 19.43 7.56
C SER B 233 14.45 19.61 9.02
N GLU B 234 14.02 18.53 9.65
CA GLU B 234 13.69 18.53 11.07
C GLU B 234 14.97 18.52 11.91
#